data_7NTK
#
_entry.id   7NTK
#
_cell.length_a   28.688
_cell.length_b   103.762
_cell.length_c   59.076
_cell.angle_alpha   90.000
_cell.angle_beta   103.979
_cell.angle_gamma   90.000
#
_symmetry.space_group_name_H-M   'P 1 21 1'
#
loop_
_entity.id
_entity.type
_entity.pdbx_description
1 polymer 'MAGUK p55 subfamily member 5'
2 polymer 'Envelope small membrane protein'
3 non-polymer 'CITRATE ANION'
4 non-polymer 1,2-ETHANEDIOL
5 water water
#
loop_
_entity_poly.entity_id
_entity_poly.type
_entity_poly.pdbx_seq_one_letter_code
_entity_poly.pdbx_strand_id
1 'polypeptide(L)'
;GPLGSKIVRIEKARDIPLGATVRNEMDSVIISRIVKGGAAEKSGLLHEGDEVLEINGIEIRGKDVNEVFDLLSDMHGTLT
FVLIPSQ
;
A,B,D,F
2 'polypeptide(L)' SRVPDLLV C,E,G,H
#
# COMPACT_ATOMS: atom_id res chain seq x y z
N GLY A 1 -11.02 -13.49 -0.69
CA GLY A 1 -9.96 -12.50 -0.57
C GLY A 1 -10.37 -11.29 0.24
N PRO A 2 -9.45 -10.33 0.39
CA PRO A 2 -9.74 -9.16 1.22
C PRO A 2 -11.02 -8.46 0.78
N LEU A 3 -11.76 -7.95 1.78
CA LEU A 3 -13.02 -7.25 1.56
C LEU A 3 -14.04 -8.11 0.82
N GLY A 4 -13.90 -9.43 0.89
CA GLY A 4 -14.81 -10.32 0.20
C GLY A 4 -14.59 -10.34 -1.29
N SER A 5 -13.34 -10.29 -1.71
CA SER A 5 -13.02 -10.12 -3.13
C SER A 5 -12.81 -11.48 -3.80
N LYS A 6 -12.54 -11.43 -5.10
CA LYS A 6 -12.47 -12.58 -5.98
C LYS A 6 -11.48 -12.25 -7.08
N ILE A 7 -10.83 -13.29 -7.61
CA ILE A 7 -9.82 -13.15 -8.64
C ILE A 7 -10.38 -13.69 -9.95
N VAL A 8 -10.29 -12.89 -11.00
CA VAL A 8 -10.68 -13.32 -12.34
C VAL A 8 -9.60 -12.87 -13.32
N ARG A 9 -9.34 -13.70 -14.32
CA ARG A 9 -8.35 -13.41 -15.33
C ARG A 9 -9.04 -13.19 -16.67
N ILE A 10 -8.54 -12.23 -17.44
CA ILE A 10 -9.11 -11.92 -18.75
C ILE A 10 -7.97 -11.45 -19.65
N GLU A 11 -7.99 -11.92 -20.89
CA GLU A 11 -6.97 -11.56 -21.86
C GLU A 11 -7.30 -10.22 -22.51
N LYS A 12 -6.28 -9.39 -22.68
CA LYS A 12 -6.43 -8.09 -23.33
C LYS A 12 -5.45 -8.00 -24.48
N ALA A 13 -5.93 -7.51 -25.62
CA ALA A 13 -5.08 -7.28 -26.79
C ALA A 13 -4.55 -5.85 -26.76
N ARG A 14 -3.40 -5.66 -27.38
CA ARG A 14 -2.83 -4.33 -27.50
C ARG A 14 -3.79 -3.41 -28.22
N ASP A 15 -4.16 -2.30 -27.58
CA ASP A 15 -4.92 -1.20 -28.16
C ASP A 15 -6.39 -1.52 -28.39
N ILE A 16 -6.91 -2.59 -27.81
CA ILE A 16 -8.32 -2.93 -27.93
C ILE A 16 -8.91 -3.01 -26.53
N PRO A 17 -9.90 -2.18 -26.19
CA PRO A 17 -10.46 -2.22 -24.83
C PRO A 17 -11.11 -3.57 -24.54
N LEU A 18 -11.25 -3.86 -23.24
CA LEU A 18 -11.89 -5.10 -22.83
C LEU A 18 -13.40 -5.06 -23.05
N GLY A 19 -13.99 -3.87 -23.01
CA GLY A 19 -15.42 -3.73 -23.19
C GLY A 19 -16.15 -3.56 -21.88
N ALA A 20 -15.68 -2.64 -21.04
CA ALA A 20 -16.33 -2.36 -19.76
C ALA A 20 -16.07 -0.91 -19.38
N THR A 21 -17.13 -0.18 -19.03
CA THR A 21 -16.99 1.19 -18.56
C THR A 21 -16.89 1.19 -17.04
N VAL A 22 -16.21 2.20 -16.51
CA VAL A 22 -15.99 2.32 -15.06
C VAL A 22 -16.34 3.73 -14.61
N ARG A 23 -16.77 3.83 -13.36
CA ARG A 23 -17.10 5.10 -12.74
C ARG A 23 -16.61 5.10 -11.30
N ASN A 24 -16.32 6.28 -10.78
CA ASN A 24 -15.94 6.41 -9.39
C ASN A 24 -17.20 6.48 -8.52
N GLU A 25 -17.20 5.73 -7.42
CA GLU A 25 -18.21 5.83 -6.38
C GLU A 25 -17.45 5.96 -5.06
N MET A 26 -17.52 7.14 -4.46
CA MET A 26 -16.69 7.48 -3.29
C MET A 26 -15.23 7.21 -3.72
N ASP A 27 -14.46 6.45 -2.95
CA ASP A 27 -13.06 6.20 -3.27
C ASP A 27 -12.87 4.93 -4.08
N SER A 28 -13.93 4.40 -4.67
CA SER A 28 -13.91 3.11 -5.34
C SER A 28 -14.07 3.27 -6.85
N VAL A 29 -13.70 2.21 -7.57
CA VAL A 29 -13.90 2.12 -9.01
C VAL A 29 -14.89 1.01 -9.25
N ILE A 30 -15.98 1.32 -9.94
CA ILE A 30 -17.11 0.41 -10.13
C ILE A 30 -17.33 0.18 -11.61
N ILE A 31 -17.65 -1.06 -11.97
CA ILE A 31 -18.03 -1.39 -13.34
C ILE A 31 -19.46 -0.93 -13.54
N SER A 32 -19.66 0.05 -14.43
CA SER A 32 -20.98 0.60 -14.67
C SER A 32 -21.72 -0.09 -15.79
N ARG A 33 -21.01 -0.66 -16.76
CA ARG A 33 -21.67 -1.35 -17.86
C ARG A 33 -20.72 -2.36 -18.49
N ILE A 34 -21.28 -3.46 -18.96
CA ILE A 34 -20.56 -4.47 -19.72
C ILE A 34 -20.98 -4.28 -21.18
N VAL A 35 -20.04 -3.84 -22.02
CA VAL A 35 -20.36 -3.56 -23.41
C VAL A 35 -20.69 -4.85 -24.14
N LYS A 36 -21.83 -4.86 -24.84
CA LYS A 36 -22.20 -6.02 -25.63
C LYS A 36 -21.21 -6.23 -26.76
N GLY A 37 -20.74 -7.47 -26.92
CA GLY A 37 -19.82 -7.82 -27.98
C GLY A 37 -18.35 -7.69 -27.63
N GLY A 38 -18.03 -7.13 -26.47
CA GLY A 38 -16.65 -7.00 -26.08
C GLY A 38 -16.11 -8.21 -25.34
N ALA A 39 -14.79 -8.21 -25.14
CA ALA A 39 -14.15 -9.35 -24.48
C ALA A 39 -14.69 -9.55 -23.07
N ALA A 40 -14.98 -8.46 -22.36
CA ALA A 40 -15.46 -8.57 -20.99
C ALA A 40 -16.76 -9.37 -20.93
N GLU A 41 -17.66 -9.15 -21.90
CA GLU A 41 -18.92 -9.88 -21.90
C GLU A 41 -18.71 -11.34 -22.24
N LYS A 42 -18.03 -11.62 -23.36
CA LYS A 42 -17.78 -13.01 -23.75
C LYS A 42 -17.09 -13.79 -22.63
N SER A 43 -16.18 -13.13 -21.91
CA SER A 43 -15.54 -13.80 -20.79
C SER A 43 -16.57 -14.26 -19.77
N GLY A 44 -17.64 -13.49 -19.59
CA GLY A 44 -18.61 -13.78 -18.55
C GLY A 44 -18.09 -13.66 -17.14
N LEU A 45 -16.92 -13.04 -16.96
CA LEU A 45 -16.30 -12.94 -15.65
C LEU A 45 -16.39 -11.55 -15.03
N LEU A 46 -16.67 -10.52 -15.83
CA LEU A 46 -16.87 -9.16 -15.33
C LEU A 46 -18.36 -8.83 -15.37
N HIS A 47 -18.83 -8.12 -14.35
CA HIS A 47 -20.26 -7.82 -14.24
C HIS A 47 -20.47 -6.41 -13.74
N GLU A 48 -21.60 -5.82 -14.13
CA GLU A 48 -21.95 -4.48 -13.69
C GLU A 48 -22.13 -4.47 -12.18
N GLY A 49 -21.63 -3.41 -11.54
CA GLY A 49 -21.62 -3.31 -10.11
C GLY A 49 -20.37 -3.84 -9.44
N ASP A 50 -19.57 -4.63 -10.15
CA ASP A 50 -18.32 -5.13 -9.59
C ASP A 50 -17.43 -3.95 -9.24
N GLU A 51 -16.80 -4.02 -8.06
CA GLU A 51 -15.79 -3.04 -7.67
C GLU A 51 -14.41 -3.59 -8.00
N VAL A 52 -13.59 -2.78 -8.66
CA VAL A 52 -12.24 -3.18 -9.04
C VAL A 52 -11.30 -2.74 -7.93
N LEU A 53 -10.71 -3.72 -7.23
CA LEU A 53 -9.73 -3.42 -6.21
C LEU A 53 -8.31 -3.37 -6.77
N GLU A 54 -7.96 -4.34 -7.63
CA GLU A 54 -6.62 -4.43 -8.19
C GLU A 54 -6.69 -4.87 -9.64
N ILE A 55 -5.66 -4.51 -10.41
CA ILE A 55 -5.43 -5.06 -11.74
C ILE A 55 -3.92 -5.27 -11.87
N ASN A 56 -3.51 -6.51 -12.13
CA ASN A 56 -2.10 -6.85 -12.27
C ASN A 56 -1.28 -6.31 -11.10
N GLY A 57 -1.82 -6.46 -9.89
CA GLY A 57 -1.15 -6.01 -8.70
C GLY A 57 -1.19 -4.52 -8.46
N ILE A 58 -1.77 -3.74 -9.37
CA ILE A 58 -1.88 -2.29 -9.22
C ILE A 58 -3.18 -1.99 -8.47
N GLU A 59 -3.08 -1.22 -7.40
CA GLU A 59 -4.25 -0.88 -6.61
C GLU A 59 -5.13 0.11 -7.38
N ILE A 60 -6.36 -0.30 -7.67
CA ILE A 60 -7.29 0.54 -8.42
C ILE A 60 -8.16 1.35 -7.49
N ARG A 61 -8.55 0.79 -6.35
CA ARG A 61 -9.24 1.57 -5.33
C ARG A 61 -8.44 2.82 -5.00
N GLY A 62 -9.12 3.95 -4.94
CA GLY A 62 -8.49 5.22 -4.64
C GLY A 62 -8.01 5.98 -5.85
N LYS A 63 -8.15 5.43 -7.05
CA LYS A 63 -7.71 6.09 -8.27
C LYS A 63 -8.89 6.71 -8.99
N ASP A 64 -8.67 7.88 -9.58
CA ASP A 64 -9.64 8.47 -10.48
C ASP A 64 -9.76 7.62 -11.74
N VAL A 65 -10.97 7.57 -12.29
CA VAL A 65 -11.23 6.67 -13.43
C VAL A 65 -10.33 7.03 -14.60
N ASN A 66 -9.93 8.30 -14.73
CA ASN A 66 -9.06 8.68 -15.84
C ASN A 66 -7.70 8.01 -15.72
N GLU A 67 -7.19 7.86 -14.49
CA GLU A 67 -5.93 7.16 -14.28
C GLU A 67 -6.09 5.69 -14.60
N VAL A 68 -7.26 5.11 -14.32
CA VAL A 68 -7.51 3.71 -14.65
C VAL A 68 -7.59 3.54 -16.16
N PHE A 69 -8.23 4.50 -16.85
CA PHE A 69 -8.23 4.48 -18.32
C PHE A 69 -6.81 4.45 -18.86
N ASP A 70 -5.94 5.32 -18.34
CA ASP A 70 -4.55 5.36 -18.81
C ASP A 70 -3.86 4.01 -18.59
N LEU A 71 -4.02 3.43 -17.40
CA LEU A 71 -3.34 2.18 -17.09
C LEU A 71 -3.73 1.08 -18.06
N LEU A 72 -5.04 0.90 -18.28
CA LEU A 72 -5.50 -0.21 -19.11
C LEU A 72 -5.23 0.05 -20.58
N SER A 73 -5.19 1.31 -21.00
CA SER A 73 -5.01 1.61 -22.41
C SER A 73 -3.71 1.06 -22.95
N ASP A 74 -2.71 0.86 -22.08
CA ASP A 74 -1.40 0.34 -22.50
C ASP A 74 -1.09 -1.03 -21.91
N MET A 75 -2.05 -1.66 -21.24
CA MET A 75 -1.87 -3.01 -20.75
C MET A 75 -2.20 -4.03 -21.83
N HIS A 76 -1.66 -5.24 -21.68
CA HIS A 76 -1.95 -6.32 -22.61
C HIS A 76 -1.54 -7.64 -21.97
N GLY A 77 -2.01 -8.72 -22.57
CA GLY A 77 -1.73 -10.05 -22.02
C GLY A 77 -2.77 -10.48 -21.01
N THR A 78 -2.36 -11.33 -20.08
CA THR A 78 -3.29 -11.84 -19.05
C THR A 78 -3.45 -10.78 -17.97
N LEU A 79 -4.65 -10.23 -17.83
CA LEU A 79 -4.96 -9.26 -16.79
C LEU A 79 -5.61 -10.00 -15.61
N THR A 80 -5.09 -9.76 -14.41
CA THR A 80 -5.59 -10.37 -13.19
C THR A 80 -6.34 -9.31 -12.39
N PHE A 81 -7.66 -9.44 -12.35
CA PHE A 81 -8.52 -8.52 -11.63
C PHE A 81 -8.86 -9.06 -10.25
N VAL A 82 -8.83 -8.18 -9.25
CA VAL A 82 -9.36 -8.45 -7.93
C VAL A 82 -10.66 -7.66 -7.80
N LEU A 83 -11.78 -8.38 -7.63
CA LEU A 83 -13.10 -7.81 -7.72
C LEU A 83 -13.94 -8.14 -6.49
N ILE A 84 -14.79 -7.19 -6.11
CA ILE A 84 -15.85 -7.42 -5.14
C ILE A 84 -17.15 -7.50 -5.93
N PRO A 85 -17.84 -8.64 -5.93
CA PRO A 85 -19.08 -8.73 -6.73
C PRO A 85 -20.16 -7.83 -6.17
N SER A 86 -21.07 -7.42 -7.05
CA SER A 86 -22.21 -6.59 -6.66
C SER A 86 -22.98 -7.22 -5.50
N GLY B 1 12.00 -13.64 -23.44
CA GLY B 1 10.89 -13.08 -24.17
C GLY B 1 11.32 -12.33 -25.41
N PRO B 2 10.37 -11.67 -26.07
CA PRO B 2 10.69 -10.91 -27.29
C PRO B 2 11.86 -9.96 -27.07
N LEU B 3 12.66 -9.80 -28.12
CA LEU B 3 13.86 -8.96 -28.12
C LEU B 3 14.91 -9.44 -27.13
N GLY B 4 14.78 -10.67 -26.62
CA GLY B 4 15.72 -11.16 -25.64
C GLY B 4 15.50 -10.58 -24.26
N SER B 5 14.26 -10.46 -23.83
CA SER B 5 13.94 -9.85 -22.55
C SER B 5 13.82 -10.92 -21.47
N LYS B 6 13.85 -10.46 -20.23
CA LYS B 6 13.71 -11.28 -19.05
C LYS B 6 12.66 -10.68 -18.13
N ILE B 7 12.15 -11.50 -17.23
CA ILE B 7 11.18 -11.07 -16.22
C ILE B 7 11.87 -11.08 -14.88
N VAL B 8 11.76 -9.98 -14.13
CA VAL B 8 12.31 -9.88 -12.79
C VAL B 8 11.27 -9.24 -11.89
N ARG B 9 11.21 -9.67 -10.63
CA ARG B 9 10.28 -9.13 -9.65
C ARG B 9 11.05 -8.39 -8.57
N ILE B 10 10.53 -7.23 -8.18
CA ILE B 10 11.11 -6.42 -7.12
C ILE B 10 9.97 -5.88 -6.28
N GLU B 11 10.16 -5.88 -4.96
CA GLU B 11 9.17 -5.31 -4.06
C GLU B 11 9.33 -3.81 -3.98
N LYS B 12 8.21 -3.09 -4.01
CA LYS B 12 8.21 -1.65 -3.86
C LYS B 12 7.36 -1.26 -2.65
N ALA B 13 7.92 -0.40 -1.80
CA ALA B 13 7.19 0.16 -0.68
C ALA B 13 6.51 1.45 -1.12
N ARG B 14 5.34 1.72 -0.55
CA ARG B 14 4.54 2.85 -0.99
C ARG B 14 5.26 4.17 -0.72
N ASP B 15 5.40 4.98 -1.77
CA ASP B 15 6.05 6.28 -1.75
C ASP B 15 7.55 6.18 -1.53
N ILE B 16 8.13 5.01 -1.64
CA ILE B 16 9.57 4.80 -1.53
C ILE B 16 10.11 4.48 -2.91
N PRO B 17 10.97 5.33 -3.49
CA PRO B 17 11.58 4.98 -4.78
C PRO B 17 12.33 3.65 -4.68
N LEU B 18 12.39 2.95 -5.82
CA LEU B 18 13.15 1.71 -5.88
C LEU B 18 14.64 1.96 -5.87
N GLY B 19 15.08 3.15 -6.26
CA GLY B 19 16.51 3.45 -6.28
C GLY B 19 17.13 3.25 -7.64
N ALA B 20 16.43 3.69 -8.68
CA ALA B 20 16.93 3.64 -10.04
C ALA B 20 16.45 4.87 -10.81
N THR B 21 17.37 5.49 -11.54
CA THR B 21 17.01 6.61 -12.41
C THR B 21 16.86 6.11 -13.84
N VAL B 22 15.93 6.72 -14.57
CA VAL B 22 15.61 6.30 -15.93
C VAL B 22 15.69 7.49 -16.87
N ARG B 23 15.93 7.21 -18.15
CA ARG B 23 16.00 8.21 -19.18
C ARG B 23 15.40 7.63 -20.46
N ASN B 24 14.99 8.51 -21.35
CA ASN B 24 14.51 8.10 -22.67
C ASN B 24 15.70 7.98 -23.62
N GLU B 25 15.70 6.91 -24.42
CA GLU B 25 16.64 6.71 -25.51
C GLU B 25 15.82 6.26 -26.71
N MET B 26 15.71 7.12 -27.72
CA MET B 26 14.81 6.91 -28.85
C MET B 26 13.42 6.74 -28.26
N ASP B 27 12.71 5.64 -28.54
CA ASP B 27 11.37 5.42 -27.98
C ASP B 27 11.40 4.50 -26.77
N SER B 28 12.56 4.31 -26.15
CA SER B 28 12.73 3.37 -25.05
C SER B 28 12.99 4.09 -23.73
N VAL B 29 12.79 3.34 -22.64
CA VAL B 29 13.09 3.81 -21.30
C VAL B 29 14.25 2.97 -20.77
N ILE B 30 15.35 3.63 -20.43
CA ILE B 30 16.59 2.97 -20.07
C ILE B 30 16.92 3.31 -18.62
N ILE B 31 17.43 2.31 -17.90
CA ILE B 31 17.94 2.53 -16.54
C ILE B 31 19.29 3.20 -16.65
N SER B 32 19.41 4.41 -16.11
CA SER B 32 20.67 5.16 -16.23
C SER B 32 21.57 4.98 -15.01
N ARG B 33 21.00 4.83 -13.82
CA ARG B 33 21.80 4.63 -12.62
C ARG B 33 21.01 3.77 -11.63
N ILE B 34 21.75 3.04 -10.79
CA ILE B 34 21.19 2.30 -9.66
C ILE B 34 21.69 2.98 -8.40
N VAL B 35 20.76 3.39 -7.55
CA VAL B 35 21.10 4.13 -6.34
C VAL B 35 21.68 3.18 -5.30
N LYS B 36 22.76 3.61 -4.65
CA LYS B 36 23.34 2.84 -3.57
C LYS B 36 22.36 2.76 -2.41
N GLY B 37 22.09 1.54 -1.94
CA GLY B 37 21.21 1.34 -0.81
C GLY B 37 19.74 1.21 -1.16
N GLY B 38 19.37 1.50 -2.38
CA GLY B 38 17.99 1.34 -2.79
C GLY B 38 17.60 -0.12 -2.99
N ALA B 39 16.29 -0.34 -3.16
CA ALA B 39 15.79 -1.70 -3.35
C ALA B 39 16.31 -2.31 -4.65
N ALA B 40 16.41 -1.49 -5.71
CA ALA B 40 16.89 -2.01 -6.98
C ALA B 40 18.28 -2.62 -6.81
N GLU B 41 19.18 -1.90 -6.14
CA GLU B 41 20.52 -2.43 -5.90
C GLU B 41 20.46 -3.73 -5.12
N LYS B 42 19.73 -3.75 -4.00
CA LYS B 42 19.71 -4.92 -3.14
C LYS B 42 19.19 -6.14 -3.88
N SER B 43 18.23 -5.94 -4.79
CA SER B 43 17.66 -7.07 -5.51
C SER B 43 18.69 -7.72 -6.44
N GLY B 44 19.63 -6.94 -6.97
CA GLY B 44 20.55 -7.45 -7.95
C GLY B 44 19.94 -7.78 -9.29
N LEU B 45 18.71 -7.34 -9.55
CA LEU B 45 18.00 -7.68 -10.76
C LEU B 45 17.78 -6.51 -11.71
N LEU B 46 18.12 -5.29 -11.28
CA LEU B 46 18.08 -4.12 -12.14
C LEU B 46 19.49 -3.57 -12.29
N HIS B 47 19.88 -3.23 -13.52
CA HIS B 47 21.23 -2.75 -13.79
C HIS B 47 21.18 -1.59 -14.77
N GLU B 48 22.21 -0.75 -14.70
CA GLU B 48 22.36 0.33 -15.67
C GLU B 48 22.42 -0.24 -17.09
N GLY B 49 21.75 0.44 -18.01
CA GLY B 49 21.67 0.00 -19.38
C GLY B 49 20.48 -0.90 -19.68
N ASP B 50 19.84 -1.44 -18.65
CA ASP B 50 18.63 -2.22 -18.88
C ASP B 50 17.55 -1.33 -19.49
N GLU B 51 16.83 -1.89 -20.46
CA GLU B 51 15.65 -1.25 -21.03
C GLU B 51 14.40 -1.84 -20.40
N VAL B 52 13.48 -0.96 -20.00
CA VAL B 52 12.23 -1.37 -19.38
C VAL B 52 11.17 -1.45 -20.47
N LEU B 53 10.74 -2.68 -20.79
CA LEU B 53 9.70 -2.90 -21.77
C LEU B 53 8.31 -2.87 -21.15
N GLU B 54 8.13 -3.52 -20.00
CA GLU B 54 6.83 -3.54 -19.33
C GLU B 54 7.00 -3.40 -17.83
N ILE B 55 5.96 -2.88 -17.19
CA ILE B 55 5.83 -2.87 -15.73
C ILE B 55 4.43 -3.39 -15.46
N ASN B 56 4.33 -4.57 -14.82
CA ASN B 56 3.04 -5.16 -14.46
C ASN B 56 2.11 -5.21 -15.68
N GLY B 57 2.67 -5.63 -16.82
CA GLY B 57 1.91 -5.79 -18.03
C GLY B 57 1.68 -4.53 -18.83
N ILE B 58 2.24 -3.41 -18.41
CA ILE B 58 2.05 -2.12 -19.07
C ILE B 58 3.19 -1.88 -20.03
N GLU B 59 2.88 -1.81 -21.33
CA GLU B 59 3.91 -1.48 -22.32
C GLU B 59 4.48 -0.10 -22.01
N ILE B 60 5.82 -0.01 -22.00
CA ILE B 60 6.50 1.21 -21.63
C ILE B 60 7.13 1.94 -22.81
N ARG B 61 7.41 1.25 -23.92
CA ARG B 61 7.98 1.92 -25.08
C ARG B 61 7.07 3.04 -25.53
N GLY B 62 7.67 4.18 -25.86
CA GLY B 62 6.93 5.35 -26.27
C GLY B 62 6.47 6.25 -25.15
N LYS B 63 6.67 5.83 -23.90
CA LYS B 63 6.29 6.65 -22.75
C LYS B 63 7.45 7.56 -22.36
N ASP B 64 7.14 8.83 -22.11
CA ASP B 64 8.11 9.75 -21.53
C ASP B 64 8.42 9.33 -20.09
N VAL B 65 9.64 9.62 -19.64
CA VAL B 65 10.05 9.17 -18.32
C VAL B 65 9.15 9.75 -17.23
N ASN B 66 8.57 10.93 -17.46
CA ASN B 66 7.65 11.49 -16.47
C ASN B 66 6.42 10.61 -16.33
N GLU B 67 5.96 10.02 -17.43
CA GLU B 67 4.82 9.12 -17.35
C GLU B 67 5.19 7.84 -16.61
N VAL B 68 6.45 7.41 -16.72
CA VAL B 68 6.91 6.24 -15.98
C VAL B 68 6.97 6.57 -14.49
N PHE B 69 7.47 7.76 -14.16
CA PHE B 69 7.47 8.21 -12.77
C PHE B 69 6.08 8.14 -12.18
N ASP B 70 5.08 8.67 -12.90
CA ASP B 70 3.72 8.66 -12.38
C ASP B 70 3.20 7.24 -12.18
N LEU B 71 3.44 6.37 -13.15
CA LEU B 71 2.97 4.99 -13.03
C LEU B 71 3.49 4.34 -11.77
N LEU B 72 4.76 4.51 -11.47
CA LEU B 72 5.37 3.92 -10.29
C LEU B 72 5.14 4.75 -9.03
N SER B 73 4.69 6.00 -9.16
CA SER B 73 4.68 6.90 -8.01
C SER B 73 3.92 6.33 -6.83
N ASP B 74 2.77 5.69 -7.08
CA ASP B 74 1.92 5.20 -6.00
C ASP B 74 1.76 3.68 -6.03
N MET B 75 2.64 2.97 -6.73
CA MET B 75 2.61 1.52 -6.70
C MET B 75 3.22 1.00 -5.39
N HIS B 76 2.85 -0.21 -5.03
CA HIS B 76 3.39 -0.86 -3.84
C HIS B 76 3.20 -2.36 -3.98
N GLY B 77 4.10 -3.11 -3.35
CA GLY B 77 4.05 -4.55 -3.41
C GLY B 77 4.93 -5.14 -4.49
N THR B 78 4.48 -6.23 -5.10
CA THR B 78 5.28 -6.98 -6.06
C THR B 78 5.13 -6.37 -7.45
N LEU B 79 6.23 -5.87 -7.98
CA LEU B 79 6.29 -5.35 -9.33
C LEU B 79 6.99 -6.35 -10.24
N THR B 80 6.47 -6.49 -11.46
CA THR B 80 7.01 -7.42 -12.44
C THR B 80 7.53 -6.61 -13.62
N PHE B 81 8.85 -6.61 -13.80
CA PHE B 81 9.47 -5.88 -14.90
C PHE B 81 9.83 -6.84 -16.03
N VAL B 82 9.59 -6.40 -17.26
CA VAL B 82 10.14 -7.04 -18.46
C VAL B 82 11.27 -6.16 -18.96
N LEU B 83 12.48 -6.71 -18.94
CA LEU B 83 13.69 -5.95 -19.21
C LEU B 83 14.49 -6.60 -20.33
N ILE B 84 15.15 -5.77 -21.12
CA ILE B 84 16.23 -6.20 -22.02
C ILE B 84 17.53 -5.90 -21.29
N PRO B 85 18.28 -6.91 -20.85
CA PRO B 85 19.55 -6.64 -20.16
C PRO B 85 20.51 -5.82 -21.01
N ARG C 2 -23.11 14.52 -11.09
CA ARG C 2 -22.76 14.01 -12.41
C ARG C 2 -21.51 13.13 -12.33
N VAL C 3 -21.53 12.01 -13.03
CA VAL C 3 -20.46 11.00 -12.86
C VAL C 3 -19.93 10.53 -14.22
N PRO C 4 -18.62 10.58 -14.43
CA PRO C 4 -18.06 10.17 -15.73
C PRO C 4 -17.92 8.67 -15.87
N ASP C 5 -18.32 8.13 -17.02
CA ASP C 5 -18.23 6.71 -17.35
C ASP C 5 -17.22 6.54 -18.48
N LEU C 6 -16.04 6.00 -18.15
CA LEU C 6 -14.98 5.82 -19.14
C LEU C 6 -14.88 4.36 -19.55
N LEU C 7 -14.63 4.13 -20.84
CA LEU C 7 -14.52 2.78 -21.38
C LEU C 7 -13.09 2.29 -21.26
N VAL C 8 -12.93 1.06 -20.76
CA VAL C 8 -11.62 0.42 -20.69
C VAL C 8 -11.70 -0.97 -21.34
N GLY D 1 23.33 10.35 27.89
CA GLY D 1 22.27 10.66 26.96
C GLY D 1 20.94 10.86 27.66
N PRO D 2 19.94 11.34 26.92
CA PRO D 2 18.64 11.64 27.55
C PRO D 2 18.08 10.43 28.29
N LEU D 3 17.38 10.71 29.37
CA LEU D 3 16.79 9.65 30.19
C LEU D 3 15.85 8.76 29.37
N GLY D 4 15.97 7.46 29.57
CA GLY D 4 15.10 6.53 28.90
C GLY D 4 15.27 6.43 27.41
N SER D 5 16.40 6.87 26.88
CA SER D 5 16.63 6.87 25.44
C SER D 5 17.52 5.71 25.01
N LYS D 6 17.50 5.43 23.71
CA LYS D 6 18.34 4.39 23.14
C LYS D 6 18.86 4.85 21.78
N ILE D 7 20.05 4.38 21.44
CA ILE D 7 20.69 4.72 20.17
C ILE D 7 20.48 3.56 19.21
N VAL D 8 19.92 3.85 18.03
CA VAL D 8 19.78 2.87 16.97
C VAL D 8 20.41 3.44 15.71
N ARG D 9 20.92 2.55 14.86
CA ARG D 9 21.55 2.91 13.61
C ARG D 9 20.77 2.29 12.45
N ILE D 10 20.55 3.09 11.41
CA ILE D 10 19.76 2.65 10.26
C ILE D 10 20.36 3.25 9.00
N GLU D 11 20.44 2.43 7.95
CA GLU D 11 20.98 2.89 6.68
C GLU D 11 19.93 3.69 5.92
N LYS D 12 20.34 4.82 5.35
CA LYS D 12 19.47 5.63 4.53
C LYS D 12 20.13 5.91 3.20
N ALA D 13 19.40 5.65 2.12
CA ALA D 13 19.87 5.91 0.76
C ALA D 13 19.50 7.33 0.35
N ARG D 14 20.33 7.89 -0.53
CA ARG D 14 20.09 9.24 -1.00
C ARG D 14 18.71 9.33 -1.67
N ASP D 15 17.92 10.30 -1.24
CA ASP D 15 16.61 10.62 -1.78
C ASP D 15 15.57 9.51 -1.58
N ILE D 16 15.86 8.52 -0.75
CA ILE D 16 14.92 7.43 -0.48
C ILE D 16 14.47 7.56 0.97
N PRO D 17 13.18 7.78 1.23
CA PRO D 17 12.73 7.86 2.63
C PRO D 17 12.95 6.56 3.39
N LEU D 18 13.15 6.71 4.71
CA LEU D 18 13.24 5.54 5.57
C LEU D 18 11.92 4.80 5.68
N GLY D 19 10.80 5.47 5.44
CA GLY D 19 9.50 4.84 5.54
C GLY D 19 8.88 5.01 6.91
N ALA D 20 8.91 6.23 7.43
CA ALA D 20 8.26 6.55 8.69
C ALA D 20 7.78 7.98 8.61
N THR D 21 6.53 8.22 9.00
CA THR D 21 6.00 9.57 9.09
C THR D 21 6.22 10.10 10.51
N VAL D 22 6.56 11.38 10.60
CA VAL D 22 6.79 12.06 11.86
C VAL D 22 5.84 13.23 11.97
N ARG D 23 5.52 13.59 13.22
CA ARG D 23 4.64 14.70 13.50
C ARG D 23 5.15 15.42 14.74
N ASN D 24 4.78 16.69 14.83
CA ASN D 24 5.08 17.50 16.01
C ASN D 24 3.96 17.36 17.04
N GLU D 25 4.34 16.99 18.26
CA GLU D 25 3.45 16.98 19.40
C GLU D 25 4.14 17.76 20.51
N MET D 26 3.62 18.95 20.82
CA MET D 26 4.28 19.89 21.74
C MET D 26 5.68 20.14 21.16
N ASP D 27 6.75 19.96 21.91
CA ASP D 27 8.10 20.15 21.41
C ASP D 27 8.73 18.86 20.88
N SER D 28 7.99 17.76 20.89
CA SER D 28 8.56 16.46 20.52
C SER D 28 8.27 16.12 19.07
N VAL D 29 9.16 15.34 18.48
CA VAL D 29 8.99 14.76 17.16
C VAL D 29 8.68 13.28 17.36
N ILE D 30 7.46 12.87 16.99
CA ILE D 30 6.97 11.52 17.24
C ILE D 30 6.82 10.80 15.91
N ILE D 31 7.13 9.51 15.87
CA ILE D 31 6.86 8.67 14.71
C ILE D 31 5.40 8.27 14.75
N SER D 32 4.64 8.65 13.73
CA SER D 32 3.20 8.40 13.71
C SER D 32 2.82 7.18 12.89
N ARG D 33 3.58 6.86 11.86
CA ARG D 33 3.28 5.69 11.03
C ARG D 33 4.57 5.06 10.53
N ILE D 34 4.56 3.73 10.43
CA ILE D 34 5.64 2.96 9.84
C ILE D 34 5.12 2.40 8.52
N VAL D 35 5.85 2.64 7.44
CA VAL D 35 5.40 2.25 6.11
C VAL D 35 5.71 0.77 5.90
N LYS D 36 4.70 0.02 5.47
CA LYS D 36 4.91 -1.38 5.14
C LYS D 36 5.97 -1.50 4.04
N GLY D 37 7.03 -2.25 4.33
CA GLY D 37 8.09 -2.49 3.37
C GLY D 37 9.23 -1.50 3.39
N GLY D 38 9.07 -0.37 4.08
CA GLY D 38 10.17 0.57 4.17
C GLY D 38 11.30 0.07 5.04
N ALA D 39 12.46 0.74 4.92
CA ALA D 39 13.63 0.34 5.70
C ALA D 39 13.34 0.42 7.19
N ALA D 40 12.51 1.39 7.62
CA ALA D 40 12.17 1.52 9.03
C ALA D 40 11.49 0.25 9.53
N GLU D 41 10.51 -0.25 8.77
CA GLU D 41 9.82 -1.47 9.18
C GLU D 41 10.75 -2.68 9.15
N LYS D 42 11.47 -2.86 8.05
CA LYS D 42 12.31 -4.04 7.89
C LYS D 42 13.32 -4.15 9.03
N SER D 43 13.94 -3.02 9.39
CA SER D 43 15.00 -3.03 10.40
C SER D 43 14.49 -3.42 11.78
N GLY D 44 13.20 -3.27 12.03
CA GLY D 44 12.65 -3.51 13.36
C GLY D 44 13.14 -2.52 14.40
N LEU D 45 13.73 -1.41 13.95
CA LEU D 45 14.38 -0.48 14.87
C LEU D 45 13.55 0.76 15.20
N LEU D 46 12.61 1.14 14.35
CA LEU D 46 11.75 2.31 14.57
C LEU D 46 10.30 1.86 14.68
N HIS D 47 9.57 2.44 15.62
CA HIS D 47 8.19 2.04 15.88
C HIS D 47 7.32 3.26 16.07
N GLU D 48 6.02 3.08 15.82
CA GLU D 48 5.07 4.17 16.02
C GLU D 48 5.04 4.56 17.50
N GLY D 49 4.96 5.86 17.75
CA GLY D 49 5.01 6.39 19.09
C GLY D 49 6.40 6.67 19.61
N ASP D 50 7.44 6.14 18.97
CA ASP D 50 8.79 6.51 19.36
C ASP D 50 8.97 8.02 19.22
N GLU D 51 9.65 8.62 20.20
CA GLU D 51 10.04 10.02 20.12
C GLU D 51 11.49 10.11 19.62
N VAL D 52 11.71 10.94 18.62
CA VAL D 52 13.05 11.16 18.08
C VAL D 52 13.67 12.37 18.76
N LEU D 53 14.78 12.16 19.45
CA LEU D 53 15.47 13.23 20.15
C LEU D 53 16.65 13.78 19.37
N GLU D 54 17.40 12.93 18.67
CA GLU D 54 18.58 13.37 17.97
C GLU D 54 18.76 12.53 16.70
N ILE D 55 19.21 13.19 15.64
CA ILE D 55 19.57 12.53 14.39
C ILE D 55 20.99 12.92 14.04
N ASN D 56 21.90 11.94 13.99
CA ASN D 56 23.30 12.20 13.66
C ASN D 56 23.90 13.26 14.58
N GLY D 57 23.55 13.20 15.86
CA GLY D 57 24.08 14.12 16.84
C GLY D 57 23.40 15.46 16.92
N ILE D 58 22.33 15.66 16.15
CA ILE D 58 21.63 16.93 16.09
C ILE D 58 20.36 16.80 16.91
N GLU D 59 20.30 17.50 18.05
CA GLU D 59 19.06 17.55 18.82
C GLU D 59 17.98 18.23 17.99
N ILE D 60 16.79 17.61 17.95
CA ILE D 60 15.72 18.11 17.10
C ILE D 60 14.52 18.59 17.91
N ARG D 61 14.66 18.66 19.24
CA ARG D 61 13.57 19.18 20.06
C ARG D 61 13.11 20.52 19.50
N GLY D 62 11.79 20.66 19.34
CA GLY D 62 11.20 21.91 18.90
C GLY D 62 11.34 22.22 17.42
N LYS D 63 11.91 21.32 16.64
CA LYS D 63 12.08 21.56 15.21
C LYS D 63 10.84 21.12 14.45
N ASP D 64 10.36 21.99 13.56
CA ASP D 64 9.29 21.62 12.64
C ASP D 64 9.69 20.36 11.86
N VAL D 65 8.71 19.49 11.60
CA VAL D 65 9.00 18.28 10.87
C VAL D 65 9.56 18.60 9.48
N ASN D 66 9.23 19.78 8.95
CA ASN D 66 9.81 20.20 7.68
C ASN D 66 11.32 20.40 7.81
N GLU D 67 11.78 20.99 8.92
CA GLU D 67 13.21 21.12 9.16
C GLU D 67 13.86 19.74 9.34
N VAL D 68 13.16 18.82 10.00
CA VAL D 68 13.67 17.47 10.16
C VAL D 68 13.87 16.80 8.80
N PHE D 69 12.86 16.93 7.92
CA PHE D 69 12.98 16.42 6.55
C PHE D 69 14.21 17.02 5.87
N ASP D 70 14.39 18.33 5.98
CA ASP D 70 15.53 18.98 5.35
CA ASP D 70 15.53 18.98 5.35
C ASP D 70 16.84 18.42 5.89
N LEU D 71 16.94 18.29 7.21
CA LEU D 71 18.17 17.75 7.80
C LEU D 71 18.44 16.34 7.29
N LEU D 72 17.41 15.49 7.24
CA LEU D 72 17.58 14.13 6.77
C LEU D 72 17.88 14.10 5.28
N SER D 73 17.43 15.12 4.54
CA SER D 73 17.68 15.15 3.10
C SER D 73 19.17 15.30 2.80
N ASP D 74 19.95 15.85 3.73
CA ASP D 74 21.37 16.07 3.54
C ASP D 74 22.24 15.04 4.27
N MET D 75 21.63 13.98 4.78
CA MET D 75 22.36 12.92 5.48
C MET D 75 22.15 11.61 4.74
N HIS D 76 23.23 10.85 4.54
CA HIS D 76 23.17 9.59 3.81
C HIS D 76 24.09 8.59 4.48
N GLY D 77 23.88 7.32 4.17
CA GLY D 77 24.65 6.24 4.77
C GLY D 77 24.07 5.83 6.10
N THR D 78 24.92 5.44 7.04
CA THR D 78 24.45 5.01 8.36
C THR D 78 24.01 6.22 9.17
N LEU D 79 22.74 6.28 9.53
CA LEU D 79 22.22 7.34 10.38
C LEU D 79 22.08 6.86 11.82
N THR D 80 22.32 7.78 12.75
CA THR D 80 22.20 7.50 14.19
C THR D 80 20.97 8.23 14.71
N PHE D 81 20.08 7.48 15.34
CA PHE D 81 18.87 8.03 15.95
C PHE D 81 18.93 7.81 17.45
N VAL D 82 18.67 8.86 18.22
CA VAL D 82 18.44 8.76 19.66
C VAL D 82 16.93 8.81 19.87
N LEU D 83 16.36 7.70 20.33
CA LEU D 83 14.92 7.57 20.47
C LEU D 83 14.54 7.33 21.93
N ILE D 84 13.33 7.72 22.30
CA ILE D 84 12.65 7.23 23.48
C ILE D 84 11.57 6.26 23.01
N PRO D 85 11.74 4.96 23.21
CA PRO D 85 10.80 4.00 22.59
C PRO D 85 9.40 4.14 23.14
N SER D 86 8.43 3.85 22.28
CA SER D 86 7.02 3.86 22.66
C SER D 86 6.75 2.81 23.74
N ARG E 2 -1.53 21.72 5.16
CA ARG E 2 -0.29 21.24 5.79
C ARG E 2 -0.62 20.34 6.98
N VAL E 3 -0.74 19.04 6.74
CA VAL E 3 -1.13 18.11 7.80
C VAL E 3 0.09 17.77 8.64
N PRO E 4 -0.09 17.41 9.91
CA PRO E 4 1.09 17.21 10.78
C PRO E 4 2.04 16.12 10.31
N ASP E 5 1.53 15.04 9.72
CA ASP E 5 2.39 13.91 9.34
C ASP E 5 3.20 14.23 8.11
N LEU E 6 4.49 13.87 8.15
CA LEU E 6 5.40 14.04 7.02
C LEU E 6 6.28 12.81 6.89
N LEU E 7 6.41 12.31 5.67
CA LEU E 7 7.19 11.11 5.41
C LEU E 7 8.68 11.44 5.36
N VAL E 8 9.47 10.66 6.10
CA VAL E 8 10.93 10.79 6.04
C VAL E 8 11.54 9.39 5.82
N GLY F 1 -22.29 -13.33 4.02
CA GLY F 1 -22.59 -12.72 2.75
C GLY F 1 -21.37 -12.55 1.88
N PRO F 2 -20.38 -11.79 2.35
CA PRO F 2 -19.17 -11.59 1.54
C PRO F 2 -18.51 -12.91 1.20
N LEU F 3 -17.86 -12.95 0.04
CA LEU F 3 -17.18 -14.15 -0.40
C LEU F 3 -16.12 -14.58 0.59
N GLY F 4 -16.12 -15.87 0.94
CA GLY F 4 -15.14 -16.42 1.83
C GLY F 4 -15.25 -15.97 3.26
N SER F 5 -16.35 -15.34 3.64
CA SER F 5 -16.53 -14.85 5.00
C SER F 5 -17.19 -15.92 5.86
N LYS F 6 -17.00 -15.81 7.17
CA LYS F 6 -17.64 -16.68 8.13
C LYS F 6 -18.24 -15.82 9.25
N ILE F 7 -19.30 -16.33 9.86
CA ILE F 7 -19.97 -15.67 10.98
C ILE F 7 -19.61 -16.41 12.24
N VAL F 8 -19.14 -15.66 13.25
CA VAL F 8 -18.88 -16.23 14.58
C VAL F 8 -19.56 -15.35 15.60
N ARG F 9 -20.05 -15.97 16.67
CA ARG F 9 -20.70 -15.26 17.77
C ARG F 9 -19.82 -15.39 19.01
N ILE F 10 -19.68 -14.29 19.74
CA ILE F 10 -18.83 -14.26 20.92
C ILE F 10 -19.46 -13.31 21.95
N GLU F 11 -19.46 -13.75 23.20
CA GLU F 11 -20.01 -12.97 24.29
C GLU F 11 -19.06 -11.83 24.64
N LYS F 12 -19.64 -10.64 24.83
CA LYS F 12 -18.88 -9.49 25.29
C LYS F 12 -19.54 -8.93 26.56
N ALA F 13 -18.74 -8.75 27.60
CA ALA F 13 -19.19 -8.10 28.82
C ALA F 13 -18.94 -6.61 28.71
N ARG F 14 -19.87 -5.82 29.25
CA ARG F 14 -19.75 -4.37 29.16
C ARG F 14 -18.44 -3.91 29.77
N ASP F 15 -17.71 -3.08 29.03
CA ASP F 15 -16.45 -2.47 29.44
C ASP F 15 -15.34 -3.48 29.68
N ILE F 16 -15.51 -4.71 29.24
CA ILE F 16 -14.46 -5.73 29.30
C ILE F 16 -14.04 -6.05 27.87
N PRO F 17 -12.78 -5.86 27.50
CA PRO F 17 -12.40 -6.11 26.11
C PRO F 17 -12.42 -7.59 25.78
N LEU F 18 -12.58 -7.88 24.49
CA LEU F 18 -12.54 -9.26 24.02
C LEU F 18 -11.15 -9.85 24.12
N GLY F 19 -10.12 -9.00 24.13
CA GLY F 19 -8.75 -9.47 24.19
C GLY F 19 -8.13 -9.58 22.82
N ALA F 20 -8.47 -8.63 21.95
CA ALA F 20 -7.93 -8.60 20.59
C ALA F 20 -7.60 -7.17 20.24
N THR F 21 -6.44 -6.97 19.59
CA THR F 21 -6.07 -5.67 19.07
C THR F 21 -6.39 -5.64 17.58
N VAL F 22 -6.81 -4.47 17.10
CA VAL F 22 -7.19 -4.30 15.70
C VAL F 22 -6.45 -3.10 15.13
N ARG F 23 -6.25 -3.13 13.81
CA ARG F 23 -5.51 -2.10 13.11
C ARG F 23 -6.17 -1.85 11.76
N ASN F 24 -5.97 -0.66 11.24
CA ASN F 24 -6.48 -0.29 9.92
C ASN F 24 -5.50 -0.70 8.83
N GLU F 25 -5.98 -1.44 7.84
CA GLU F 25 -5.18 -1.82 6.68
C GLU F 25 -6.06 -1.80 5.45
N MET F 26 -5.57 -1.16 4.39
CA MET F 26 -6.20 -1.18 3.07
C MET F 26 -7.72 -1.08 3.17
N ASP F 27 -8.17 0.01 3.77
CA ASP F 27 -9.58 0.36 3.89
C ASP F 27 -10.36 -0.62 4.75
N SER F 28 -9.67 -1.47 5.51
CA SER F 28 -10.34 -2.51 6.26
C SER F 28 -9.76 -2.59 7.68
N VAL F 29 -10.27 -3.54 8.45
CA VAL F 29 -9.88 -3.72 9.85
C VAL F 29 -9.37 -5.15 10.02
N ILE F 30 -8.17 -5.28 10.58
CA ILE F 30 -7.53 -6.58 10.76
C ILE F 30 -7.26 -6.79 12.25
N ILE F 31 -7.38 -8.03 12.69
CA ILE F 31 -6.95 -8.42 14.04
C ILE F 31 -5.44 -8.61 14.02
N SER F 32 -4.73 -7.79 14.80
CA SER F 32 -3.28 -7.80 14.79
C SER F 32 -2.67 -8.53 15.98
N ARG F 33 -3.47 -8.96 16.95
CA ARG F 33 -2.96 -9.76 18.06
C ARG F 33 -4.14 -10.29 18.86
N ILE F 34 -4.01 -11.54 19.31
CA ILE F 34 -4.96 -12.16 20.23
C ILE F 34 -4.29 -12.20 21.59
N VAL F 35 -4.94 -11.61 22.59
CA VAL F 35 -4.35 -11.45 23.91
C VAL F 35 -4.43 -12.77 24.66
N LYS F 36 -3.31 -13.17 25.27
CA LYS F 36 -3.29 -14.38 26.07
C LYS F 36 -4.23 -14.23 27.27
N GLY F 37 -5.01 -15.27 27.53
CA GLY F 37 -5.97 -15.25 28.62
C GLY F 37 -7.24 -14.48 28.33
N GLY F 38 -7.38 -13.88 27.16
CA GLY F 38 -8.57 -13.14 26.83
C GLY F 38 -9.70 -14.02 26.31
N ALA F 39 -10.89 -13.42 26.24
CA ALA F 39 -12.06 -14.16 25.79
C ALA F 39 -11.92 -14.58 24.33
N ALA F 40 -11.23 -13.77 23.53
CA ALA F 40 -11.05 -14.12 22.12
C ALA F 40 -10.18 -15.37 21.99
N GLU F 41 -9.10 -15.45 22.77
CA GLU F 41 -8.25 -16.63 22.71
C GLU F 41 -9.01 -17.86 23.21
N LYS F 42 -9.57 -17.77 24.41
CA LYS F 42 -10.24 -18.93 25.00
C LYS F 42 -11.38 -19.41 24.12
N SER F 43 -12.08 -18.48 23.46
CA SER F 43 -13.19 -18.90 22.60
C SER F 43 -12.69 -19.63 21.36
N GLY F 44 -11.45 -19.37 20.95
CA GLY F 44 -10.94 -19.94 19.72
C GLY F 44 -11.60 -19.46 18.45
N LEU F 45 -12.40 -18.39 18.52
CA LEU F 45 -13.22 -17.95 17.41
C LEU F 45 -12.61 -16.81 16.61
N LEU F 46 -11.70 -16.04 17.21
CA LEU F 46 -11.04 -14.93 16.53
C LEU F 46 -9.54 -15.22 16.46
N HIS F 47 -8.92 -14.80 15.36
CA HIS F 47 -7.54 -15.16 15.08
C HIS F 47 -6.80 -13.99 14.48
N GLU F 48 -5.50 -13.94 14.75
CA GLU F 48 -4.64 -12.92 14.18
C GLU F 48 -4.60 -13.06 12.67
N GLY F 49 -4.74 -11.94 11.97
CA GLY F 49 -4.86 -11.93 10.54
C GLY F 49 -6.28 -11.89 10.03
N ASP F 50 -7.26 -12.20 10.87
CA ASP F 50 -8.64 -12.12 10.47
C ASP F 50 -9.00 -10.69 10.07
N GLU F 51 -9.80 -10.57 9.02
CA GLU F 51 -10.36 -9.29 8.60
C GLU F 51 -11.79 -9.21 9.10
N VAL F 52 -12.11 -8.13 9.80
CA VAL F 52 -13.45 -7.93 10.35
C VAL F 52 -14.25 -7.10 9.37
N LEU F 53 -15.26 -7.73 8.73
CA LEU F 53 -16.09 -7.06 7.76
C LEU F 53 -17.32 -6.41 8.39
N GLU F 54 -17.91 -7.04 9.39
CA GLU F 54 -19.13 -6.53 10.01
C GLU F 54 -19.13 -6.89 11.49
N ILE F 55 -19.70 -6.01 12.29
CA ILE F 55 -19.94 -6.28 13.71
C ILE F 55 -21.41 -5.98 13.98
N ASN F 56 -22.15 -7.00 14.41
CA ASN F 56 -23.59 -6.87 14.67
C ASN F 56 -24.30 -6.19 13.50
N GLY F 57 -23.92 -6.58 12.28
CA GLY F 57 -24.59 -6.13 11.08
C GLY F 57 -24.14 -4.80 10.55
N ILE F 58 -23.13 -4.18 11.15
CA ILE F 58 -22.63 -2.87 10.72
C ILE F 58 -21.36 -3.11 9.91
N GLU F 59 -21.41 -2.72 8.64
CA GLU F 59 -20.25 -2.83 7.77
C GLU F 59 -19.11 -1.98 8.34
N ILE F 60 -17.91 -2.56 8.41
CA ILE F 60 -16.77 -1.92 9.05
C ILE F 60 -15.80 -1.31 8.05
N ARG F 61 -15.97 -1.57 6.76
CA ARG F 61 -15.02 -1.06 5.78
C ARG F 61 -14.92 0.46 5.86
N GLY F 62 -13.70 0.97 5.90
CA GLY F 62 -13.44 2.39 5.91
C GLY F 62 -13.54 3.06 7.26
N LYS F 63 -13.81 2.31 8.31
CA LYS F 63 -13.97 2.89 9.64
C LYS F 63 -12.64 2.89 10.40
N ASP F 64 -12.31 4.03 10.99
CA ASP F 64 -11.17 4.10 11.89
C ASP F 64 -11.37 3.11 13.03
N VAL F 65 -10.26 2.54 13.50
CA VAL F 65 -10.34 1.61 14.62
C VAL F 65 -10.85 2.33 15.86
N ASN F 66 -10.69 3.65 15.92
CA ASN F 66 -11.29 4.41 17.01
C ASN F 66 -12.81 4.36 16.94
N GLU F 67 -13.37 4.46 15.73
CA GLU F 67 -14.81 4.33 15.58
C GLU F 67 -15.28 2.91 15.91
N VAL F 68 -14.50 1.90 15.53
CA VAL F 68 -14.88 0.52 15.84
C VAL F 68 -14.91 0.31 17.35
N PHE F 69 -13.88 0.80 18.05
CA PHE F 69 -13.87 0.74 19.50
C PHE F 69 -15.13 1.38 20.08
N ASP F 70 -15.55 2.51 19.51
CA ASP F 70 -16.76 3.17 19.99
CA ASP F 70 -16.75 3.18 19.99
C ASP F 70 -17.99 2.32 19.75
N LEU F 71 -18.11 1.76 18.55
CA LEU F 71 -19.25 0.90 18.24
C LEU F 71 -19.31 -0.28 19.21
N LEU F 72 -18.19 -0.97 19.39
CA LEU F 72 -18.17 -2.09 20.33
C LEU F 72 -18.46 -1.66 21.77
N SER F 73 -18.12 -0.41 22.12
CA SER F 73 -18.42 0.08 23.45
C SER F 73 -19.91 0.28 23.67
N ASP F 74 -20.70 0.32 22.58
CA ASP F 74 -22.14 0.45 22.67
C ASP F 74 -22.86 -0.88 22.45
N MET F 75 -22.12 -1.98 22.35
CA MET F 75 -22.69 -3.30 22.12
C MET F 75 -22.33 -4.22 23.27
N HIS F 76 -23.32 -4.99 23.74
CA HIS F 76 -23.13 -5.91 24.86
C HIS F 76 -23.90 -7.19 24.57
N GLY F 77 -23.54 -8.27 25.28
CA GLY F 77 -24.18 -9.54 25.04
C GLY F 77 -23.47 -10.28 23.90
N THR F 78 -24.25 -11.12 23.23
CA THR F 78 -23.69 -11.94 22.15
C THR F 78 -23.44 -11.06 20.92
N LEU F 79 -22.17 -10.95 20.53
CA LEU F 79 -21.77 -10.18 19.36
C LEU F 79 -21.65 -11.08 18.14
N THR F 80 -22.02 -10.53 16.98
CA THR F 80 -21.85 -11.21 15.70
C THR F 80 -20.70 -10.57 14.93
N PHE F 81 -19.75 -11.39 14.52
CA PHE F 81 -18.63 -10.96 13.69
C PHE F 81 -18.71 -11.66 12.34
N VAL F 82 -18.62 -10.89 11.26
CA VAL F 82 -18.39 -11.44 9.93
C VAL F 82 -16.92 -11.24 9.61
N LEU F 83 -16.19 -12.33 9.44
CA LEU F 83 -14.75 -12.30 9.28
C LEU F 83 -14.34 -12.99 7.99
N ILE F 84 -13.19 -12.57 7.44
CA ILE F 84 -12.49 -13.32 6.41
C ILE F 84 -11.27 -13.96 7.08
N PRO F 85 -11.25 -15.27 7.28
CA PRO F 85 -10.25 -15.85 8.19
C PRO F 85 -8.85 -15.82 7.59
N SER F 86 -7.90 -15.44 8.42
CA SER F 86 -6.49 -15.76 8.23
C SER F 86 -6.32 -17.16 7.65
N ARG G 2 21.06 17.16 -21.12
CA ARG G 2 20.05 17.38 -22.17
C ARG G 2 18.86 16.43 -22.02
N VAL G 3 19.07 15.24 -21.45
CA VAL G 3 18.08 14.16 -21.44
C VAL G 3 17.73 13.88 -19.99
N PRO G 4 16.52 14.17 -19.53
CA PRO G 4 16.25 14.01 -18.08
C PRO G 4 16.53 12.59 -17.57
N ASP G 5 17.12 12.52 -16.36
CA ASP G 5 17.32 11.28 -15.62
C ASP G 5 16.47 11.35 -14.35
N LEU G 6 15.28 10.75 -14.38
CA LEU G 6 14.34 10.83 -13.27
C LEU G 6 14.50 9.65 -12.31
N LEU G 7 14.47 9.96 -11.02
CA LEU G 7 14.54 8.92 -10.00
C LEU G 7 13.18 8.24 -9.85
N VAL G 8 13.22 6.91 -9.77
CA VAL G 8 12.01 6.13 -9.50
C VAL G 8 12.32 5.06 -8.45
N VAL H 3 0.44 0.79 11.19
CA VAL H 3 -0.42 -0.21 11.83
C VAL H 3 -0.19 -0.17 13.35
N PRO H 4 -0.66 0.88 14.02
CA PRO H 4 -0.74 0.85 15.48
C PRO H 4 -2.05 0.17 15.89
N ASP H 5 -2.01 -0.51 17.03
CA ASP H 5 -3.04 -1.48 17.40
C ASP H 5 -3.84 -0.95 18.58
N LEU H 6 -5.14 -1.25 18.57
CA LEU H 6 -6.08 -0.78 19.57
C LEU H 6 -6.79 -1.99 20.18
N LEU H 7 -6.67 -2.12 21.51
CA LEU H 7 -7.31 -3.24 22.19
C LEU H 7 -8.82 -3.06 22.22
N VAL H 8 -9.55 -4.09 21.81
CA VAL H 8 -11.00 -4.11 21.92
C VAL H 8 -11.42 -5.43 22.58
#